data_6GNN
#
_entry.id   6GNN
#
_cell.length_a   115.378
_cell.length_b   60.301
_cell.length_c   81.190
_cell.angle_alpha   90.00
_cell.angle_beta   90.00
_cell.angle_gamma   90.00
#
_symmetry.space_group_name_H-M   'P 21 21 2'
#
loop_
_entity.id
_entity.type
_entity.pdbx_description
1 polymer '14-3-3 protein beta/alpha'
2 polymer 'Exoenzyme T'
3 non-polymer '3-(12-oxidanylidene-7-thia-9,11-diazatricyclo[6.4.0.0^{2,6}]dodeca-1(8),2(6),9-trien-10-yl)propanoic acid'
#
loop_
_entity_poly.entity_id
_entity_poly.type
_entity_poly.pdbx_seq_one_letter_code
_entity_poly.pdbx_strand_id
1 'polypeptide(L)'
;MTMDKSELVQKAKLAEQAERYDDMAAAMKAVTEQGHELSNEERNLLSVAYKNVVGARRSSWRVISSIEQKTERNEKKQQM
GKEYREKIEAELQDICNDVLELLDKYLIPNATQPESKVFYLKMKGDYFRYLSEVASGDNKQTTVSNSQQAYQEAFEISKK
EMQPTHPIRLGLALNFSVFYYEILNSPEKACSLAKTAFDEAIAELDTLNEESYKDSTLIMQLLRDNLTLWTSENQGDEGE
NLYFQSLE
;
A
2 'polypeptide(L)'
;MGSSHHHHHHSQDPNSENLYFQGPVDKALADGLVEHFGLEAEQYLGEHPDGPYSDAEVMALGLYTNGEYQHLNRSLRQGR
ELDAGQALIDRGMSAAFEKSGPAEQVVKTFRGTQGRDAFEAVKEGQVGHDAGYLSTSRDPSVARSFAGQGTITTLFGRSG
IDVSEISIEGDEQEILYDKGTDMRVLLSAKDGQGVTRRVLEEATLGERSGHGEGLLDALDLATGTDRSGKPQEQDLRLRM
RGLDLA
;
C
#
loop_
_chem_comp.id
_chem_comp.type
_chem_comp.name
_chem_comp.formula
F4W non-polymer '3-(12-oxidanylidene-7-thia-9,11-diazatricyclo[6.4.0.0^{2,6}]dodeca-1(8),2(6),9-trien-10-yl)propanoic acid' 'C12 H12 N2 O3 S'
#
# COMPACT_ATOMS: atom_id res chain seq x y z
N MET A 3 18.48 19.28 27.74
CA MET A 3 18.31 18.02 27.03
C MET A 3 18.70 18.17 25.57
N ASP A 4 19.56 17.28 25.08
CA ASP A 4 19.96 17.32 23.69
C ASP A 4 18.82 16.89 22.78
N LYS A 5 18.89 17.35 21.52
CA LYS A 5 17.90 16.98 20.51
C LYS A 5 17.82 15.48 20.31
N SER A 6 18.83 14.73 20.76
CA SER A 6 18.86 13.28 20.64
C SER A 6 18.59 12.54 21.94
N GLU A 7 18.80 13.17 23.10
CA GLU A 7 18.49 12.50 24.35
C GLU A 7 17.00 12.20 24.46
N LEU A 8 16.16 13.19 24.13
CA LEU A 8 14.71 13.03 24.20
C LEU A 8 14.21 11.93 23.28
N VAL A 9 14.93 11.67 22.18
CA VAL A 9 14.57 10.57 21.29
C VAL A 9 14.49 9.27 22.08
N GLN A 10 15.52 8.97 22.87
CA GLN A 10 15.51 7.77 23.68
C GLN A 10 14.38 7.82 24.71
N LYS A 11 14.26 8.95 25.42
CA LYS A 11 13.21 9.07 26.41
C LYS A 11 11.82 9.02 25.77
N ALA A 12 11.69 9.50 24.54
CA ALA A 12 10.42 9.38 23.82
C ALA A 12 10.12 7.93 23.49
N LYS A 13 11.13 7.19 23.00
CA LYS A 13 10.95 5.77 22.71
C LYS A 13 10.62 5.00 23.98
N LEU A 14 11.10 5.47 25.14
CA LEU A 14 10.82 4.79 26.40
C LEU A 14 9.33 4.78 26.70
N ALA A 15 8.71 5.96 26.76
CA ALA A 15 7.29 6.07 27.10
C ALA A 15 6.42 5.24 26.17
N GLU A 16 6.85 5.07 24.92
CA GLU A 16 6.10 4.22 23.99
C GLU A 16 6.15 2.76 24.42
N GLN A 17 7.36 2.20 24.52
CA GLN A 17 7.50 0.81 24.94
C GLN A 17 6.91 0.61 26.34
N ALA A 18 7.15 1.55 27.24
CA ALA A 18 6.56 1.49 28.57
C ALA A 18 5.05 1.70 28.56
N GLU A 19 4.47 2.03 27.41
CA GLU A 19 3.05 2.35 27.28
C GLU A 19 2.66 3.43 28.28
N ARG A 20 3.40 4.54 28.24
CA ARG A 20 3.20 5.69 29.11
C ARG A 20 3.12 6.94 28.23
N TYR A 21 2.10 6.97 27.37
CA TYR A 21 2.04 7.98 26.31
C TYR A 21 1.80 9.38 26.84
N ASP A 22 1.21 9.50 28.04
CA ASP A 22 1.09 10.83 28.66
C ASP A 22 2.48 11.44 28.87
N ASP A 23 3.46 10.61 29.22
CA ASP A 23 4.85 11.06 29.20
C ASP A 23 5.31 11.32 27.78
N MET A 24 5.00 10.39 26.86
CA MET A 24 5.34 10.59 25.45
C MET A 24 4.71 11.86 24.89
N ALA A 25 3.60 12.33 25.48
CA ALA A 25 2.96 13.55 25.01
C ALA A 25 3.90 14.75 25.20
N ALA A 26 4.25 15.04 26.45
CA ALA A 26 5.21 16.11 26.73
C ALA A 26 6.61 15.77 26.21
N ALA A 27 6.92 14.49 26.02
CA ALA A 27 8.23 14.09 25.50
C ALA A 27 8.45 14.62 24.09
N MET A 28 7.68 14.11 23.13
CA MET A 28 7.78 14.62 21.76
C MET A 28 7.30 16.07 21.65
N LYS A 29 6.61 16.59 22.65
CA LYS A 29 6.28 18.01 22.67
C LYS A 29 7.52 18.87 22.72
N ALA A 30 8.59 18.39 23.36
CA ALA A 30 9.78 19.21 23.56
C ALA A 30 10.66 19.27 22.32
N VAL A 31 10.82 18.14 21.62
CA VAL A 31 11.67 18.12 20.43
C VAL A 31 11.12 19.06 19.37
N THR A 32 9.80 19.27 19.34
CA THR A 32 9.22 20.24 18.43
C THR A 32 9.31 21.66 18.97
N GLU A 33 9.27 21.82 20.30
CA GLU A 33 9.53 23.12 20.90
C GLU A 33 10.97 23.58 20.69
N GLN A 34 11.86 22.69 20.20
CA GLN A 34 13.21 23.09 19.86
C GLN A 34 13.27 24.06 18.69
N GLY A 35 12.17 24.19 17.93
CA GLY A 35 12.12 25.12 16.83
C GLY A 35 12.79 24.65 15.55
N HIS A 36 13.31 23.43 15.52
CA HIS A 36 13.95 22.90 14.33
C HIS A 36 13.11 21.79 13.74
N GLU A 37 13.26 21.58 12.43
CA GLU A 37 12.49 20.58 11.71
C GLU A 37 12.79 19.19 12.27
N LEU A 38 11.77 18.34 12.27
CA LEU A 38 11.85 16.97 12.77
C LEU A 38 11.74 15.98 11.61
N SER A 39 12.61 14.98 11.62
CA SER A 39 12.57 13.95 10.58
C SER A 39 11.30 13.11 10.72
N ASN A 40 11.03 12.33 9.66
CA ASN A 40 9.84 11.49 9.63
C ASN A 40 9.84 10.50 10.80
N GLU A 41 11.02 10.01 11.20
CA GLU A 41 11.12 9.15 12.37
C GLU A 41 10.46 9.80 13.58
N GLU A 42 10.88 11.02 13.92
CA GLU A 42 10.25 11.74 15.01
C GLU A 42 8.86 12.22 14.63
N ARG A 43 8.66 12.59 13.37
CA ARG A 43 7.33 12.98 12.90
C ARG A 43 6.32 11.87 13.14
N ASN A 44 6.73 10.61 12.95
CA ASN A 44 5.84 9.49 13.21
C ASN A 44 5.57 9.33 14.71
N LEU A 45 6.61 9.44 15.54
CA LEU A 45 6.46 9.17 16.96
C LEU A 45 5.50 10.14 17.63
N LEU A 46 5.66 11.44 17.37
CA LEU A 46 4.78 12.44 17.95
C LEU A 46 3.32 12.17 17.56
N SER A 47 3.06 11.94 16.28
CA SER A 47 1.70 11.61 15.86
C SER A 47 1.21 10.34 16.54
N VAL A 48 2.07 9.32 16.63
CA VAL A 48 1.70 8.08 17.31
C VAL A 48 1.42 8.36 18.79
N ALA A 49 2.17 9.27 19.38
CA ALA A 49 1.99 9.64 20.79
C ALA A 49 0.61 10.26 21.02
N TYR A 50 0.38 11.45 20.47
CA TYR A 50 -0.84 12.19 20.75
C TYR A 50 -2.08 11.42 20.31
N LYS A 51 -1.96 10.61 19.25
CA LYS A 51 -3.08 9.79 18.80
C LYS A 51 -3.51 8.80 19.88
N ASN A 52 -2.57 7.97 20.34
CA ASN A 52 -2.88 6.99 21.38
C ASN A 52 -3.45 7.65 22.62
N VAL A 53 -2.98 8.86 22.94
CA VAL A 53 -3.53 9.60 24.07
C VAL A 53 -4.96 10.05 23.75
N VAL A 54 -5.14 10.74 22.63
CA VAL A 54 -6.46 11.23 22.27
C VAL A 54 -7.42 10.08 22.02
N GLY A 55 -6.98 9.06 21.29
CA GLY A 55 -7.82 7.89 21.07
C GLY A 55 -8.20 7.20 22.36
N ALA A 56 -7.33 7.25 23.36
CA ALA A 56 -7.63 6.67 24.66
C ALA A 56 -8.77 7.41 25.36
N ARG A 57 -8.63 8.74 25.49
CA ARG A 57 -9.73 9.53 26.02
C ARG A 57 -10.96 9.41 25.12
N ARG A 58 -10.75 9.28 23.81
CA ARG A 58 -11.86 9.11 22.88
C ARG A 58 -12.63 7.83 23.18
N SER A 59 -11.92 6.70 23.26
CA SER A 59 -12.55 5.45 23.64
C SER A 59 -13.22 5.55 25.01
N SER A 60 -12.66 6.36 25.90
CA SER A 60 -13.28 6.57 27.20
C SER A 60 -14.56 7.39 27.08
N TRP A 61 -14.51 8.51 26.35
CA TRP A 61 -15.66 9.39 26.24
C TRP A 61 -16.81 8.72 25.48
N ARG A 62 -16.48 7.96 24.43
CA ARG A 62 -17.52 7.40 23.58
C ARG A 62 -18.41 6.41 24.32
N VAL A 63 -17.89 5.79 25.38
CA VAL A 63 -18.70 4.82 26.14
C VAL A 63 -19.72 5.54 26.99
N ILE A 64 -19.30 6.58 27.72
CA ILE A 64 -20.22 7.36 28.54
C ILE A 64 -21.36 7.91 27.68
N SER A 65 -21.03 8.44 26.51
CA SER A 65 -22.02 8.96 25.58
C SER A 65 -22.90 7.87 24.97
N SER A 66 -22.75 6.62 25.37
CA SER A 66 -23.68 5.56 25.02
C SER A 66 -24.55 5.13 26.19
N ILE A 67 -24.00 5.12 27.41
CA ILE A 67 -24.77 4.69 28.57
C ILE A 67 -25.82 5.72 28.94
N GLU A 68 -25.43 7.00 28.98
CA GLU A 68 -26.38 8.05 29.32
C GLU A 68 -27.55 8.08 28.35
N GLN A 69 -27.26 7.90 27.06
CA GLN A 69 -28.34 7.80 26.07
C GLN A 69 -29.13 6.51 26.26
N LYS A 70 -28.44 5.42 26.59
CA LYS A 70 -29.08 4.12 26.69
C LYS A 70 -29.31 3.73 28.14
N LYS A 76 -32.08 7.09 38.93
CA LYS A 76 -32.37 7.45 37.54
C LYS A 76 -31.55 8.67 37.14
N LYS A 77 -30.89 9.28 38.11
CA LYS A 77 -30.05 10.43 37.82
C LYS A 77 -28.93 10.05 36.86
N GLN A 78 -28.71 10.89 35.85
CA GLN A 78 -27.56 10.77 34.98
C GLN A 78 -26.86 12.11 34.79
N GLN A 79 -27.25 13.13 35.55
CA GLN A 79 -26.59 14.43 35.45
C GLN A 79 -25.11 14.31 35.83
N MET A 80 -24.82 13.74 37.00
CA MET A 80 -23.44 13.54 37.42
C MET A 80 -22.68 12.61 36.48
N GLY A 81 -23.36 11.86 35.63
CA GLY A 81 -22.71 11.13 34.57
C GLY A 81 -22.30 12.03 33.42
N LYS A 82 -23.20 12.95 33.05
CA LYS A 82 -22.83 13.99 32.10
C LYS A 82 -21.76 14.91 32.68
N GLU A 83 -21.87 15.20 33.99
CA GLU A 83 -20.85 15.98 34.67
C GLU A 83 -19.49 15.27 34.61
N TYR A 84 -19.50 13.95 34.70
CA TYR A 84 -18.26 13.20 34.53
C TYR A 84 -17.82 13.18 33.08
N ARG A 85 -18.77 12.99 32.15
CA ARG A 85 -18.45 13.09 30.73
C ARG A 85 -17.88 14.47 30.39
N GLU A 86 -18.29 15.50 31.13
CA GLU A 86 -17.83 16.85 30.84
C GLU A 86 -16.33 16.99 31.11
N LYS A 87 -15.85 16.37 32.20
CA LYS A 87 -14.42 16.46 32.50
C LYS A 87 -13.58 15.73 31.45
N ILE A 88 -14.15 14.75 30.76
CA ILE A 88 -13.45 14.13 29.63
C ILE A 88 -13.45 15.07 28.44
N GLU A 89 -14.61 15.67 28.13
CA GLU A 89 -14.67 16.74 27.15
C GLU A 89 -13.60 17.79 27.45
N ALA A 90 -13.50 18.20 28.72
CA ALA A 90 -12.50 19.17 29.12
C ALA A 90 -11.09 18.66 28.82
N GLU A 91 -10.87 17.35 28.96
CA GLU A 91 -9.55 16.80 28.66
C GLU A 91 -9.22 16.93 27.18
N LEU A 92 -10.11 16.45 26.31
CA LEU A 92 -9.82 16.46 24.88
C LEU A 92 -9.67 17.88 24.34
N GLN A 93 -10.59 18.77 24.71
CA GLN A 93 -10.47 20.17 24.33
C GLN A 93 -9.10 20.73 24.69
N ASP A 94 -8.64 20.46 25.91
CA ASP A 94 -7.31 20.89 26.32
C ASP A 94 -6.22 20.29 25.46
N ILE A 95 -6.43 19.06 24.96
CA ILE A 95 -5.38 18.37 24.22
C ILE A 95 -5.26 18.92 22.82
N CYS A 96 -6.34 18.85 22.03
CA CYS A 96 -6.27 19.21 20.62
C CYS A 96 -5.80 20.65 20.43
N ASN A 97 -6.46 21.60 21.10
CA ASN A 97 -6.07 22.99 20.98
C ASN A 97 -4.62 23.20 21.39
N ASP A 98 -4.12 22.41 22.34
CA ASP A 98 -2.70 22.47 22.69
C ASP A 98 -1.85 21.99 21.53
N VAL A 99 -2.23 20.86 20.92
CA VAL A 99 -1.42 20.32 19.84
C VAL A 99 -1.60 21.12 18.55
N LEU A 100 -2.73 21.82 18.39
CA LEU A 100 -2.92 22.63 17.20
C LEU A 100 -2.02 23.86 17.20
N GLU A 101 -1.73 24.40 18.38
CA GLU A 101 -0.72 25.46 18.47
C GLU A 101 0.66 24.92 18.14
N LEU A 102 0.99 23.72 18.64
CA LEU A 102 2.25 23.08 18.27
C LEU A 102 2.31 22.85 16.76
N LEU A 103 1.17 22.57 16.14
CA LEU A 103 1.09 22.51 14.69
C LEU A 103 1.35 23.88 14.07
N ASP A 104 0.67 24.90 14.58
CA ASP A 104 0.71 26.22 13.95
C ASP A 104 2.01 26.97 14.26
N LYS A 105 2.71 26.62 15.34
CA LYS A 105 3.91 27.36 15.73
C LYS A 105 5.18 26.75 15.14
N TYR A 106 5.45 25.48 15.44
CA TYR A 106 6.71 24.85 15.07
C TYR A 106 6.58 23.77 13.99
N LEU A 107 5.36 23.36 13.63
CA LEU A 107 5.16 22.29 12.65
C LEU A 107 4.81 22.83 11.26
N ILE A 108 3.71 23.59 11.15
CA ILE A 108 3.25 24.05 9.84
C ILE A 108 4.30 24.88 9.11
N PRO A 109 4.92 25.90 9.71
CA PRO A 109 5.90 26.67 8.94
C PRO A 109 7.18 25.91 8.63
N ASN A 110 7.65 25.06 9.55
CA ASN A 110 8.90 24.33 9.37
C ASN A 110 8.80 23.30 8.26
N ALA A 111 7.62 23.17 7.64
CA ALA A 111 7.38 22.15 6.63
C ALA A 111 8.11 22.54 5.35
N THR A 112 9.42 22.27 5.33
CA THR A 112 10.21 22.47 4.14
C THR A 112 9.94 21.36 3.13
N GLN A 113 9.91 20.12 3.59
CA GLN A 113 9.65 18.99 2.71
C GLN A 113 8.20 19.03 2.24
N PRO A 114 7.95 18.78 0.95
CA PRO A 114 6.56 18.81 0.45
C PRO A 114 5.71 17.65 0.96
N GLU A 115 6.33 16.53 1.32
CA GLU A 115 5.57 15.38 1.83
C GLU A 115 4.88 15.72 3.14
N SER A 116 5.65 16.15 4.14
CA SER A 116 5.09 16.52 5.43
C SER A 116 4.13 17.70 5.34
N LYS A 117 4.16 18.45 4.22
CA LYS A 117 3.22 19.55 4.03
C LYS A 117 1.78 19.05 3.98
N VAL A 118 1.57 17.77 3.74
CA VAL A 118 0.25 17.18 3.72
C VAL A 118 -0.05 16.37 4.98
N PHE A 119 0.97 15.75 5.59
CA PHE A 119 0.76 14.96 6.80
C PHE A 119 0.26 15.83 7.96
N TYR A 120 0.88 16.99 8.15
CA TYR A 120 0.53 17.86 9.27
C TYR A 120 -0.85 18.49 9.08
N LEU A 121 -1.11 19.04 7.88
CA LEU A 121 -2.41 19.62 7.61
C LEU A 121 -3.51 18.60 7.75
N LYS A 122 -3.30 17.38 7.24
CA LYS A 122 -4.21 16.29 7.51
C LYS A 122 -4.39 16.10 9.01
N MET A 123 -3.28 16.06 9.76
CA MET A 123 -3.36 15.90 11.21
C MET A 123 -4.08 17.08 11.86
N LYS A 124 -3.78 18.30 11.41
CA LYS A 124 -4.42 19.47 12.02
C LYS A 124 -5.92 19.45 11.80
N GLY A 125 -6.37 19.07 10.60
CA GLY A 125 -7.79 18.90 10.37
C GLY A 125 -8.40 17.80 11.20
N ASP A 126 -7.63 16.73 11.47
CA ASP A 126 -8.10 15.66 12.35
C ASP A 126 -8.38 16.19 13.75
N TYR A 127 -7.45 16.97 14.30
CA TYR A 127 -7.65 17.49 15.65
C TYR A 127 -8.68 18.60 15.68
N PHE A 128 -8.92 19.26 14.54
CA PHE A 128 -10.13 20.05 14.40
C PHE A 128 -11.36 19.17 14.23
N ARG A 129 -11.20 18.02 13.59
CA ARG A 129 -12.30 17.06 13.50
C ARG A 129 -12.56 16.41 14.85
N TYR A 130 -11.50 16.15 15.63
CA TYR A 130 -11.69 15.58 16.96
C TYR A 130 -12.50 16.52 17.84
N LEU A 131 -12.03 17.77 17.98
CA LEU A 131 -12.69 18.72 18.87
C LEU A 131 -14.13 19.02 18.46
N SER A 132 -14.47 18.79 17.19
CA SER A 132 -15.81 19.15 16.70
C SER A 132 -16.91 18.25 17.26
N GLU A 133 -16.57 17.16 17.95
CA GLU A 133 -17.59 16.27 18.46
C GLU A 133 -18.09 16.69 19.85
N VAL A 134 -17.17 16.99 20.77
CA VAL A 134 -17.55 17.39 22.12
C VAL A 134 -17.94 18.86 22.22
N ALA A 135 -17.81 19.61 21.14
CA ALA A 135 -18.03 21.05 21.18
C ALA A 135 -19.52 21.39 21.32
N SER A 136 -19.80 22.68 21.50
CA SER A 136 -21.18 23.15 21.72
C SER A 136 -21.26 24.61 21.32
N GLY A 137 -22.12 24.92 20.35
CA GLY A 137 -22.43 26.28 19.99
C GLY A 137 -21.28 27.11 19.46
N ASP A 138 -20.55 27.76 20.38
CA ASP A 138 -19.50 28.69 19.98
C ASP A 138 -18.44 28.00 19.13
N ASN A 139 -17.86 26.92 19.66
CA ASN A 139 -16.82 26.20 18.95
C ASN A 139 -17.40 25.18 17.97
N LYS A 140 -18.64 24.76 18.17
CA LYS A 140 -19.25 23.73 17.33
C LYS A 140 -19.15 24.08 15.85
N GLN A 141 -19.55 25.30 15.49
CA GLN A 141 -19.44 25.74 14.10
C GLN A 141 -18.03 26.21 13.76
N THR A 142 -17.31 26.76 14.74
CA THR A 142 -16.02 27.37 14.45
C THR A 142 -14.96 26.32 14.14
N THR A 143 -14.90 25.26 14.95
CA THR A 143 -13.88 24.24 14.76
C THR A 143 -13.98 23.58 13.39
N VAL A 144 -15.20 23.38 12.90
CA VAL A 144 -15.38 22.74 11.60
C VAL A 144 -14.91 23.65 10.47
N SER A 145 -14.95 24.97 10.67
CA SER A 145 -14.54 25.91 9.62
C SER A 145 -13.08 25.69 9.25
N ASN A 146 -12.19 25.68 10.26
CA ASN A 146 -10.79 25.37 10.01
C ASN A 146 -10.57 23.90 9.69
N SER A 147 -11.54 23.03 10.04
CA SER A 147 -11.41 21.62 9.74
C SER A 147 -11.35 21.37 8.23
N GLN A 148 -12.44 21.71 7.52
CA GLN A 148 -12.42 21.60 6.06
C GLN A 148 -11.36 22.51 5.45
N GLN A 149 -11.10 23.66 6.07
CA GLN A 149 -10.03 24.55 5.62
C GLN A 149 -8.71 23.79 5.50
N ALA A 150 -8.22 23.26 6.62
CA ALA A 150 -6.94 22.55 6.59
C ALA A 150 -7.02 21.28 5.77
N TYR A 151 -8.17 20.60 5.79
CA TYR A 151 -8.36 19.37 5.03
C TYR A 151 -8.18 19.60 3.54
N GLN A 152 -9.11 20.34 2.93
CA GLN A 152 -9.03 20.61 1.50
C GLN A 152 -7.75 21.34 1.13
N GLU A 153 -7.16 22.08 2.09
CA GLU A 153 -5.90 22.77 1.84
C GLU A 153 -4.80 21.79 1.47
N ALA A 154 -4.62 20.75 2.29
CA ALA A 154 -3.65 19.72 1.96
C ALA A 154 -4.09 18.85 0.80
N PHE A 155 -5.38 18.87 0.46
CA PHE A 155 -5.89 17.98 -0.59
C PHE A 155 -5.40 18.39 -1.95
N GLU A 156 -5.46 19.68 -2.28
CA GLU A 156 -4.92 20.16 -3.55
C GLU A 156 -3.42 19.90 -3.63
N ILE A 157 -2.71 20.04 -2.50
CA ILE A 157 -1.32 19.63 -2.44
C ILE A 157 -1.19 18.15 -2.78
N SER A 158 -2.01 17.32 -2.14
CA SER A 158 -2.01 15.89 -2.47
C SER A 158 -2.48 15.66 -3.90
N LYS A 159 -3.41 16.48 -4.37
CA LYS A 159 -3.91 16.33 -5.73
C LYS A 159 -2.84 16.72 -6.75
N LYS A 160 -2.35 17.95 -6.67
CA LYS A 160 -1.49 18.48 -7.73
C LYS A 160 -0.03 18.07 -7.58
N GLU A 161 0.42 17.76 -6.36
CA GLU A 161 1.82 17.43 -6.13
C GLU A 161 2.05 15.97 -5.80
N MET A 162 1.18 15.35 -5.01
CA MET A 162 1.42 13.99 -4.53
C MET A 162 0.95 12.94 -5.53
N GLN A 163 1.67 11.82 -5.58
CA GLN A 163 1.24 10.67 -6.35
C GLN A 163 -0.12 10.20 -5.84
N PRO A 164 -0.96 9.64 -6.72
CA PRO A 164 -2.23 9.07 -6.26
C PRO A 164 -2.00 7.99 -5.21
N THR A 165 -1.42 6.86 -5.62
CA THR A 165 -1.12 5.78 -4.68
C THR A 165 0.04 6.17 -3.77
N HIS A 166 -0.20 7.13 -2.90
CA HIS A 166 0.77 7.56 -1.89
C HIS A 166 0.12 7.44 -0.52
N PRO A 167 0.83 6.90 0.48
CA PRO A 167 0.19 6.67 1.80
C PRO A 167 -0.45 7.91 2.40
N ILE A 168 0.24 9.04 2.37
CA ILE A 168 -0.32 10.26 2.96
C ILE A 168 -1.53 10.74 2.18
N ARG A 169 -1.48 10.68 0.85
CA ARG A 169 -2.62 11.13 0.06
C ARG A 169 -3.83 10.24 0.29
N LEU A 170 -3.64 8.92 0.23
CA LEU A 170 -4.77 8.00 0.40
C LEU A 170 -5.35 8.09 1.80
N GLY A 171 -4.50 8.23 2.81
CA GLY A 171 -5.00 8.41 4.16
C GLY A 171 -5.75 9.71 4.34
N LEU A 172 -5.24 10.81 3.75
CA LEU A 172 -5.92 12.09 3.82
C LEU A 172 -7.32 12.00 3.23
N ALA A 173 -7.49 11.20 2.18
CA ALA A 173 -8.81 11.05 1.57
C ALA A 173 -9.76 10.29 2.47
N LEU A 174 -9.28 9.24 3.13
CA LEU A 174 -10.13 8.47 4.04
C LEU A 174 -10.63 9.34 5.17
N ASN A 175 -9.71 9.93 5.94
CA ASN A 175 -10.09 10.79 7.05
C ASN A 175 -11.01 11.92 6.61
N PHE A 176 -10.83 12.41 5.36
CA PHE A 176 -11.75 13.38 4.81
C PHE A 176 -13.12 12.76 4.56
N SER A 177 -13.13 11.58 3.93
CA SER A 177 -14.39 10.87 3.68
C SER A 177 -15.09 10.50 4.99
N VAL A 178 -14.32 10.21 6.04
CA VAL A 178 -14.93 9.96 7.34
C VAL A 178 -15.44 11.26 7.96
N PHE A 179 -14.78 12.39 7.66
CA PHE A 179 -15.20 13.66 8.25
C PHE A 179 -16.59 14.06 7.78
N TYR A 180 -16.89 13.85 6.50
CA TYR A 180 -18.19 14.21 5.97
C TYR A 180 -19.30 13.32 6.54
N TYR A 181 -19.08 11.99 6.57
CA TYR A 181 -20.09 11.09 7.07
C TYR A 181 -20.31 11.27 8.56
N GLU A 182 -19.24 11.44 9.34
CA GLU A 182 -19.37 11.63 10.78
C GLU A 182 -19.79 13.05 11.13
N ILE A 183 -18.89 14.01 10.90
CA ILE A 183 -19.13 15.41 11.31
C ILE A 183 -20.33 15.98 10.57
N LEU A 184 -20.14 16.34 9.30
CA LEU A 184 -21.21 16.97 8.54
C LEU A 184 -22.40 16.05 8.29
N ASN A 185 -22.28 14.77 8.62
CA ASN A 185 -23.35 13.79 8.41
C ASN A 185 -23.88 13.84 6.98
N SER A 186 -22.98 14.10 6.03
CA SER A 186 -23.34 14.21 4.63
C SER A 186 -22.66 13.09 3.84
N PRO A 187 -23.22 11.88 3.85
CA PRO A 187 -22.63 10.79 3.06
C PRO A 187 -22.65 11.01 1.57
N GLU A 188 -23.38 12.03 1.08
CA GLU A 188 -23.37 12.31 -0.35
C GLU A 188 -21.98 12.68 -0.83
N LYS A 189 -21.37 13.69 -0.20
CA LYS A 189 -20.04 14.12 -0.60
C LYS A 189 -18.95 13.22 -0.04
N ALA A 190 -19.23 12.58 1.10
CA ALA A 190 -18.28 11.61 1.66
C ALA A 190 -17.99 10.50 0.66
N CYS A 191 -19.05 9.82 0.20
CA CYS A 191 -18.89 8.82 -0.85
C CYS A 191 -18.36 9.45 -2.13
N SER A 192 -18.66 10.73 -2.37
CA SER A 192 -18.23 11.38 -3.59
C SER A 192 -16.71 11.56 -3.63
N LEU A 193 -16.10 11.82 -2.47
CA LEU A 193 -14.66 12.09 -2.43
C LEU A 193 -13.83 10.82 -2.39
N ALA A 194 -14.37 9.74 -1.83
CA ALA A 194 -13.61 8.50 -1.74
C ALA A 194 -13.45 7.84 -3.10
N LYS A 195 -14.57 7.63 -3.81
CA LYS A 195 -14.53 7.06 -5.16
C LYS A 195 -13.56 7.81 -6.06
N THR A 196 -13.68 9.14 -6.08
CA THR A 196 -12.75 9.97 -6.84
C THR A 196 -11.30 9.63 -6.50
N ALA A 197 -10.97 9.67 -5.21
CA ALA A 197 -9.63 9.28 -4.78
C ALA A 197 -9.35 7.82 -5.08
N PHE A 198 -10.30 6.93 -4.75
CA PHE A 198 -10.14 5.51 -5.03
C PHE A 198 -9.91 5.27 -6.52
N ASP A 199 -10.77 5.86 -7.36
CA ASP A 199 -10.63 5.68 -8.80
C ASP A 199 -9.28 6.18 -9.29
N GLU A 200 -8.89 7.39 -8.86
CA GLU A 200 -7.59 7.93 -9.24
C GLU A 200 -6.43 7.06 -8.78
N ALA A 201 -6.68 6.11 -7.87
CA ALA A 201 -5.65 5.21 -7.39
C ALA A 201 -5.52 3.96 -8.25
N ILE A 202 -6.63 3.32 -8.61
CA ILE A 202 -6.50 2.04 -9.31
C ILE A 202 -6.02 2.24 -10.74
N ALA A 203 -6.37 3.37 -11.37
CA ALA A 203 -5.96 3.60 -12.75
C ALA A 203 -4.44 3.64 -12.88
N GLU A 204 -3.77 4.21 -11.89
CA GLU A 204 -2.31 4.31 -11.88
C GLU A 204 -1.78 3.34 -10.83
N LEU A 205 -1.58 2.08 -11.23
CA LEU A 205 -0.93 1.11 -10.37
C LEU A 205 0.58 1.13 -10.46
N ASP A 206 1.13 1.61 -11.57
CA ASP A 206 2.58 1.81 -11.68
C ASP A 206 3.08 2.94 -10.80
N THR A 207 2.20 3.64 -10.09
CA THR A 207 2.56 4.73 -9.19
C THR A 207 2.92 4.26 -7.80
N LEU A 208 2.98 2.94 -7.56
CA LEU A 208 3.30 2.42 -6.24
C LEU A 208 4.81 2.41 -6.01
N ASN A 209 5.20 2.68 -4.77
CA ASN A 209 6.59 2.62 -4.37
C ASN A 209 6.82 1.37 -3.52
N GLU A 210 7.87 0.62 -3.85
CA GLU A 210 8.17 -0.63 -3.14
C GLU A 210 8.42 -0.40 -1.66
N GLU A 211 8.76 0.83 -1.28
CA GLU A 211 9.00 1.14 0.13
C GLU A 211 7.73 0.97 0.96
N SER A 212 6.57 1.30 0.37
CA SER A 212 5.29 1.21 1.06
C SER A 212 4.22 0.71 0.11
N TYR A 213 4.58 -0.23 -0.77
CA TYR A 213 3.58 -0.80 -1.68
C TYR A 213 2.49 -1.54 -0.91
N LYS A 214 2.87 -2.29 0.12
CA LYS A 214 1.88 -2.98 0.93
C LYS A 214 1.16 -2.02 1.86
N ASP A 215 1.82 -0.95 2.29
CA ASP A 215 1.19 0.00 3.19
C ASP A 215 0.02 0.72 2.53
N SER A 216 0.16 1.03 1.23
CA SER A 216 -0.90 1.77 0.54
C SER A 216 -2.10 0.89 0.26
N THR A 217 -1.87 -0.36 -0.14
CA THR A 217 -2.97 -1.27 -0.47
C THR A 217 -3.96 -1.40 0.67
N LEU A 218 -3.45 -1.47 1.90
CA LEU A 218 -4.32 -1.53 3.08
C LEU A 218 -5.27 -0.34 3.13
N ILE A 219 -4.77 0.86 2.85
CA ILE A 219 -5.62 2.05 2.83
C ILE A 219 -6.74 1.88 1.82
N MET A 220 -6.39 1.42 0.61
CA MET A 220 -7.39 1.20 -0.43
C MET A 220 -8.40 0.15 0.00
N GLN A 221 -7.94 -0.88 0.72
CA GLN A 221 -8.84 -1.90 1.23
C GLN A 221 -9.85 -1.32 2.21
N LEU A 222 -9.57 -0.14 2.77
CA LEU A 222 -10.51 0.49 3.70
C LEU A 222 -11.57 1.28 2.96
N LEU A 223 -11.19 2.04 1.93
CA LEU A 223 -12.14 2.88 1.23
C LEU A 223 -13.20 2.06 0.52
N ARG A 224 -12.79 0.97 -0.14
CA ARG A 224 -13.76 0.07 -0.75
C ARG A 224 -14.70 -0.53 0.29
N ASP A 225 -14.24 -0.63 1.55
CA ASP A 225 -15.05 -1.10 2.65
C ASP A 225 -15.78 0.03 3.37
N ASN A 226 -15.79 1.24 2.80
CA ASN A 226 -16.56 2.35 3.31
C ASN A 226 -17.58 2.86 2.30
N LEU A 227 -17.24 2.85 1.01
CA LEU A 227 -18.20 3.16 -0.04
C LEU A 227 -19.39 2.21 0.02
N THR A 228 -19.13 0.92 -0.22
CA THR A 228 -20.17 -0.09 -0.16
C THR A 228 -20.91 -0.05 1.18
N LEU A 229 -20.17 0.11 2.28
CA LEU A 229 -20.79 0.17 3.60
C LEU A 229 -21.79 1.32 3.68
N TRP A 230 -21.39 2.49 3.19
CA TRP A 230 -22.29 3.65 3.20
C TRP A 230 -23.43 3.50 2.20
N THR A 231 -23.28 2.62 1.22
CA THR A 231 -24.31 2.42 0.20
C THR A 231 -25.03 1.09 0.39
N SER A 232 -25.51 0.85 1.62
CA SER A 232 -26.23 -0.38 1.93
C SER A 232 -27.00 -0.24 3.24
N ASP B 26 25.03 -30.28 -17.99
CA ASP B 26 24.33 -31.32 -18.71
C ASP B 26 24.15 -30.97 -20.20
N LYS B 27 25.15 -31.32 -21.02
CA LYS B 27 25.08 -31.02 -22.44
C LYS B 27 23.97 -31.80 -23.14
N ALA B 28 23.64 -32.98 -22.62
CA ALA B 28 22.58 -33.78 -23.20
C ALA B 28 21.26 -33.01 -23.26
N LEU B 29 20.93 -32.31 -22.17
CA LEU B 29 19.76 -31.44 -22.19
C LEU B 29 19.90 -30.35 -23.24
N ALA B 30 21.08 -29.73 -23.32
CA ALA B 30 21.32 -28.71 -24.33
C ALA B 30 21.14 -29.27 -25.74
N ASP B 31 21.48 -30.54 -25.92
CA ASP B 31 21.24 -31.18 -27.22
C ASP B 31 19.76 -31.45 -27.44
N GLY B 32 18.99 -31.61 -26.35
CA GLY B 32 17.57 -31.91 -26.49
C GLY B 32 16.82 -30.90 -27.32
N LEU B 33 17.15 -29.62 -27.16
CA LEU B 33 16.52 -28.59 -27.98
C LEU B 33 17.09 -28.57 -29.40
N VAL B 34 18.40 -28.78 -29.55
CA VAL B 34 19.00 -28.82 -30.88
C VAL B 34 18.68 -30.11 -31.61
N GLU B 35 18.09 -31.09 -30.92
CA GLU B 35 17.54 -32.29 -31.54
C GLU B 35 16.04 -32.19 -31.79
N HIS B 36 15.41 -31.08 -31.37
CA HIS B 36 13.97 -30.94 -31.49
C HIS B 36 13.50 -29.57 -31.98
N PHE B 37 14.35 -28.55 -31.96
CA PHE B 37 13.98 -27.22 -32.43
C PHE B 37 14.97 -26.67 -33.46
N GLY B 38 16.26 -26.94 -33.31
CA GLY B 38 17.21 -26.58 -34.35
C GLY B 38 17.50 -25.10 -34.35
N LEU B 39 17.43 -24.49 -35.54
CA LEU B 39 17.70 -23.06 -35.68
C LEU B 39 16.82 -22.24 -34.75
N GLU B 40 15.62 -22.73 -34.43
CA GLU B 40 14.78 -22.08 -33.43
C GLU B 40 15.47 -22.02 -32.08
N ALA B 41 15.95 -23.18 -31.58
CA ALA B 41 16.62 -23.20 -30.29
C ALA B 41 17.93 -22.43 -30.35
N GLU B 42 18.65 -22.51 -31.47
CA GLU B 42 19.92 -21.81 -31.62
C GLU B 42 19.75 -20.30 -31.78
N GLN B 43 18.51 -19.82 -31.94
CA GLN B 43 18.27 -18.38 -32.00
C GLN B 43 18.85 -17.68 -30.78
N TYR B 44 18.70 -18.28 -29.61
CA TYR B 44 19.31 -17.80 -28.38
C TYR B 44 20.49 -18.71 -28.03
N LEU B 45 21.62 -18.09 -27.69
CA LEU B 45 22.83 -18.84 -27.38
C LEU B 45 23.86 -17.94 -26.73
N GLY B 46 24.49 -17.08 -27.53
CA GLY B 46 25.45 -16.13 -27.03
C GLY B 46 24.80 -14.87 -26.49
N GLU B 47 23.51 -14.96 -26.16
CA GLU B 47 22.75 -13.85 -25.59
C GLU B 47 23.18 -13.57 -24.16
N HIS B 48 24.47 -13.63 -23.86
CA HIS B 48 24.94 -13.71 -22.48
C HIS B 48 26.29 -13.03 -22.33
N PRO B 49 26.30 -11.77 -21.85
CA PRO B 49 27.57 -11.19 -21.39
C PRO B 49 28.18 -12.03 -20.27
N ASP B 50 27.68 -11.82 -19.05
CA ASP B 50 27.92 -12.77 -17.97
C ASP B 50 27.08 -14.02 -18.21
N GLY B 51 27.37 -15.07 -17.45
CA GLY B 51 26.64 -16.31 -17.61
C GLY B 51 26.35 -17.06 -16.33
N PRO B 52 25.45 -16.53 -15.49
CA PRO B 52 24.93 -17.31 -14.36
C PRO B 52 24.11 -18.53 -14.77
N TYR B 53 23.83 -18.70 -16.06
CA TYR B 53 23.02 -19.78 -16.58
C TYR B 53 23.83 -20.60 -17.58
N SER B 54 23.33 -21.80 -17.86
CA SER B 54 24.02 -22.70 -18.76
C SER B 54 23.55 -22.52 -20.19
N ASP B 55 24.26 -23.18 -21.12
CA ASP B 55 23.84 -23.18 -22.52
C ASP B 55 22.41 -23.66 -22.66
N ALA B 56 22.07 -24.78 -22.00
CA ALA B 56 20.72 -25.31 -22.07
C ALA B 56 19.73 -24.38 -21.37
N GLU B 57 20.19 -23.61 -20.38
CA GLU B 57 19.30 -22.70 -19.67
C GLU B 57 18.94 -21.50 -20.53
N VAL B 58 19.85 -21.04 -21.38
CA VAL B 58 19.59 -19.86 -22.20
C VAL B 58 18.52 -20.18 -23.25
N MET B 59 18.70 -21.26 -24.01
CA MET B 59 17.76 -21.59 -25.08
C MET B 59 16.38 -21.91 -24.52
N ALA B 60 16.33 -22.57 -23.37
CA ALA B 60 15.05 -22.93 -22.77
C ALA B 60 14.26 -21.68 -22.38
N LEU B 61 14.89 -20.79 -21.59
CA LEU B 61 14.22 -19.56 -21.20
C LEU B 61 13.80 -18.74 -22.41
N GLY B 62 14.66 -18.68 -23.44
CA GLY B 62 14.29 -17.96 -24.65
C GLY B 62 13.09 -18.56 -25.35
N LEU B 63 13.01 -19.89 -25.39
CA LEU B 63 11.91 -20.56 -26.08
C LEU B 63 10.57 -20.24 -25.44
N TYR B 64 10.51 -20.27 -24.10
CA TYR B 64 9.32 -19.84 -23.38
C TYR B 64 9.05 -18.37 -23.67
N THR B 65 9.67 -17.49 -22.88
CA THR B 65 9.57 -16.03 -22.94
C THR B 65 8.60 -15.54 -24.00
N ASN B 66 9.08 -15.43 -25.24
CA ASN B 66 8.25 -15.28 -26.42
C ASN B 66 8.88 -16.06 -27.56
N GLY B 67 8.06 -16.85 -28.25
CA GLY B 67 6.64 -16.93 -27.97
C GLY B 67 6.15 -18.35 -27.73
N GLU B 68 7.05 -19.32 -27.81
CA GLU B 68 6.71 -20.73 -27.60
C GLU B 68 6.52 -20.95 -26.10
N TYR B 69 5.36 -20.52 -25.60
CA TYR B 69 5.11 -20.57 -24.17
C TYR B 69 3.62 -20.58 -23.83
N GLN B 70 2.79 -19.95 -24.68
CA GLN B 70 1.36 -19.89 -24.43
C GLN B 70 0.79 -21.27 -24.19
N HIS B 71 1.26 -22.26 -24.96
CA HIS B 71 0.85 -23.64 -24.76
C HIS B 71 1.68 -24.37 -23.72
N LEU B 72 2.79 -23.79 -23.23
CA LEU B 72 3.45 -24.41 -22.09
C LEU B 72 2.64 -24.23 -20.82
N ASN B 73 1.94 -23.09 -20.69
CA ASN B 73 1.05 -22.89 -19.55
C ASN B 73 -0.35 -23.41 -19.81
N ARG B 74 -0.86 -23.30 -21.03
CA ARG B 74 -2.16 -23.88 -21.36
C ARG B 74 -2.17 -25.38 -21.11
N SER B 75 -1.00 -26.03 -21.16
CA SER B 75 -0.89 -27.45 -20.87
C SER B 75 -0.55 -27.71 -19.40
N LEU B 76 0.29 -26.87 -18.79
CA LEU B 76 0.50 -26.93 -17.35
C LEU B 76 -0.82 -26.78 -16.61
N ARG B 77 -1.49 -25.64 -16.79
CA ARG B 77 -2.87 -25.51 -16.37
C ARG B 77 -3.72 -26.55 -17.08
N GLN B 78 -4.91 -26.78 -16.54
CA GLN B 78 -5.80 -27.88 -16.92
C GLN B 78 -5.19 -29.25 -16.59
N GLY B 79 -4.03 -29.28 -15.93
CA GLY B 79 -3.38 -30.52 -15.56
C GLY B 79 -3.04 -31.43 -16.72
N ARG B 80 -3.01 -30.92 -17.95
CA ARG B 80 -2.89 -31.76 -19.12
C ARG B 80 -1.44 -32.23 -19.29
N GLU B 81 -1.27 -33.22 -20.16
CA GLU B 81 0.05 -33.82 -20.37
C GLU B 81 0.90 -32.96 -21.31
N LEU B 82 2.21 -33.04 -21.11
CA LEU B 82 3.15 -32.22 -21.87
C LEU B 82 3.45 -32.84 -23.22
N ASP B 83 3.95 -32.00 -24.13
CA ASP B 83 4.48 -32.47 -25.40
C ASP B 83 5.92 -32.94 -25.21
N ALA B 84 6.52 -33.39 -26.31
CA ALA B 84 7.93 -33.78 -26.30
C ALA B 84 8.80 -32.58 -25.94
N GLY B 85 8.81 -31.57 -26.81
CA GLY B 85 9.68 -30.43 -26.59
C GLY B 85 9.35 -29.66 -25.33
N GLN B 86 8.06 -29.48 -25.05
CA GLN B 86 7.67 -28.67 -23.90
C GLN B 86 8.12 -29.30 -22.58
N ALA B 87 8.11 -30.63 -22.51
CA ALA B 87 8.70 -31.30 -21.35
C ALA B 87 10.20 -31.00 -21.27
N LEU B 88 10.87 -30.92 -22.41
CA LEU B 88 12.29 -30.57 -22.42
C LEU B 88 12.50 -29.14 -21.95
N ILE B 89 11.53 -28.26 -22.16
CA ILE B 89 11.61 -26.86 -21.75
C ILE B 89 11.40 -26.74 -20.24
N ASP B 90 10.19 -27.10 -19.79
CA ASP B 90 9.80 -26.97 -18.39
C ASP B 90 10.89 -27.45 -17.43
N ARG B 91 11.42 -28.64 -17.68
CA ARG B 91 12.46 -29.19 -16.81
C ARG B 91 13.73 -28.34 -16.85
N GLY B 92 14.10 -27.86 -18.03
CA GLY B 92 15.22 -26.93 -18.11
C GLY B 92 14.91 -25.61 -17.43
N MET B 93 13.64 -25.18 -17.49
CA MET B 93 13.27 -23.90 -16.93
C MET B 93 13.29 -23.93 -15.40
N SER B 94 12.48 -24.80 -14.80
CA SER B 94 12.40 -24.88 -13.34
C SER B 94 13.76 -25.15 -12.71
N ALA B 95 14.64 -25.86 -13.44
CA ALA B 95 15.98 -26.12 -12.92
C ALA B 95 16.75 -24.81 -12.74
N ALA B 96 16.69 -23.92 -13.72
CA ALA B 96 17.41 -22.66 -13.66
C ALA B 96 16.92 -21.75 -12.54
N PHE B 97 15.77 -22.03 -11.95
CA PHE B 97 15.20 -21.14 -10.93
C PHE B 97 16.06 -21.14 -9.67
N GLU B 98 16.25 -22.30 -9.06
CA GLU B 98 17.16 -22.39 -7.92
C GLU B 98 18.55 -21.89 -8.31
N LYS B 99 18.96 -22.14 -9.54
CA LYS B 99 20.24 -21.66 -10.04
C LYS B 99 20.25 -20.15 -10.26
N SER B 100 19.08 -19.50 -10.24
CA SER B 100 19.01 -18.07 -10.50
C SER B 100 18.58 -17.28 -9.26
N GLY B 101 17.32 -17.43 -8.83
CA GLY B 101 16.79 -16.63 -7.74
C GLY B 101 17.58 -16.77 -6.47
N PRO B 102 17.55 -15.73 -5.62
CA PRO B 102 16.79 -14.49 -5.77
C PRO B 102 17.64 -13.25 -6.08
N ALA B 103 17.84 -12.39 -5.07
CA ALA B 103 18.54 -11.12 -5.18
C ALA B 103 17.75 -10.13 -6.04
N GLU B 104 17.69 -8.86 -5.63
CA GLU B 104 18.35 -8.37 -4.43
C GLU B 104 17.44 -7.45 -3.59
N GLN B 105 16.54 -6.74 -4.25
CA GLN B 105 15.44 -6.02 -3.60
C GLN B 105 14.14 -6.34 -4.33
N VAL B 106 13.05 -5.76 -3.84
CA VAL B 106 11.72 -6.05 -4.37
C VAL B 106 11.52 -5.30 -5.68
N VAL B 107 10.97 -5.98 -6.68
CA VAL B 107 10.75 -5.40 -8.00
C VAL B 107 9.26 -5.20 -8.22
N LYS B 108 8.90 -4.58 -9.37
CA LYS B 108 7.52 -4.16 -9.65
C LYS B 108 7.16 -4.59 -11.07
N THR B 109 6.81 -5.86 -11.24
CA THR B 109 6.39 -6.36 -12.55
C THR B 109 4.90 -6.04 -12.78
N PHE B 110 4.39 -6.48 -13.92
CA PHE B 110 2.99 -6.29 -14.28
C PHE B 110 2.53 -7.44 -15.18
N ARG B 111 1.21 -7.61 -15.25
CA ARG B 111 0.62 -8.69 -16.05
C ARG B 111 -0.88 -8.51 -16.24
N GLY B 112 -1.32 -8.43 -17.50
CA GLY B 112 -2.73 -8.36 -17.82
C GLY B 112 -3.20 -9.58 -18.57
N THR B 113 -4.50 -9.84 -18.58
CA THR B 113 -5.04 -11.06 -19.18
C THR B 113 -6.39 -10.80 -19.83
N GLN B 114 -6.84 -11.79 -20.60
CA GLN B 114 -8.11 -11.75 -21.31
C GLN B 114 -9.24 -12.21 -20.39
N GLY B 115 -9.12 -11.95 -19.10
CA GLY B 115 -10.05 -12.46 -18.12
C GLY B 115 -9.63 -13.81 -17.57
N ARG B 116 -10.24 -14.14 -16.42
CA ARG B 116 -9.95 -15.36 -15.69
C ARG B 116 -8.47 -15.51 -15.36
N ASP B 117 -8.05 -15.02 -14.20
CA ASP B 117 -6.71 -15.23 -13.68
C ASP B 117 -6.80 -16.15 -12.47
N ALA B 118 -5.70 -16.85 -12.19
CA ALA B 118 -5.69 -17.88 -11.16
C ALA B 118 -5.68 -17.29 -9.75
N PHE B 119 -6.08 -16.03 -9.61
CA PHE B 119 -6.13 -15.38 -8.30
C PHE B 119 -7.48 -14.78 -7.99
N GLU B 120 -8.50 -15.07 -8.81
CA GLU B 120 -9.85 -14.55 -8.56
C GLU B 120 -10.58 -15.32 -7.48
N ALA B 121 -10.08 -16.50 -7.08
CA ALA B 121 -10.71 -17.30 -6.04
C ALA B 121 -10.01 -17.17 -4.69
N VAL B 122 -8.88 -16.46 -4.62
CA VAL B 122 -8.16 -16.25 -3.37
C VAL B 122 -8.83 -15.14 -2.58
N LYS B 123 -9.02 -15.36 -1.28
CA LYS B 123 -9.56 -14.31 -0.43
C LYS B 123 -8.53 -13.21 -0.24
N GLU B 124 -9.01 -11.97 -0.14
CA GLU B 124 -8.12 -10.82 0.00
C GLU B 124 -7.34 -10.93 1.31
N GLY B 125 -6.01 -10.85 1.21
CA GLY B 125 -5.14 -10.97 2.35
C GLY B 125 -4.47 -12.33 2.49
N GLN B 126 -4.85 -13.31 1.68
CA GLN B 126 -4.32 -14.66 1.74
C GLN B 126 -3.38 -14.91 0.56
N VAL B 127 -2.86 -16.13 0.49
CA VAL B 127 -1.77 -16.47 -0.42
C VAL B 127 -2.21 -17.62 -1.33
N GLY B 128 -1.95 -17.47 -2.63
CA GLY B 128 -2.30 -18.50 -3.60
C GLY B 128 -1.30 -18.55 -4.73
N HIS B 129 -1.15 -19.74 -5.32
CA HIS B 129 -0.16 -19.98 -6.36
C HIS B 129 -0.81 -20.53 -7.63
N ASP B 130 -0.29 -20.11 -8.77
CA ASP B 130 -0.73 -20.59 -10.06
C ASP B 130 -0.34 -22.05 -10.25
N ALA B 131 -0.92 -22.67 -11.29
CA ALA B 131 -0.44 -23.97 -11.76
C ALA B 131 0.73 -23.79 -12.72
N GLY B 132 0.51 -23.04 -13.80
CA GLY B 132 1.57 -22.71 -14.74
C GLY B 132 2.48 -21.64 -14.20
N TYR B 133 3.21 -21.01 -15.11
CA TYR B 133 4.25 -20.06 -14.77
C TYR B 133 3.66 -18.65 -14.62
N LEU B 134 4.53 -17.65 -14.54
CA LEU B 134 4.14 -16.28 -14.27
C LEU B 134 5.01 -15.28 -15.06
N SER B 135 4.85 -15.31 -16.38
CA SER B 135 5.51 -14.30 -17.21
C SER B 135 4.94 -12.91 -16.92
N THR B 136 5.82 -11.92 -16.81
CA THR B 136 5.42 -10.57 -16.44
C THR B 136 6.25 -9.55 -17.21
N SER B 137 5.99 -8.28 -16.91
CA SER B 137 6.69 -7.15 -17.51
C SER B 137 6.70 -6.01 -16.51
N ARG B 138 7.72 -5.16 -16.60
CA ARG B 138 7.75 -3.98 -15.74
C ARG B 138 7.24 -2.72 -16.44
N ASP B 139 6.93 -2.83 -17.73
CA ASP B 139 6.47 -1.66 -18.49
C ASP B 139 4.96 -1.54 -18.37
N PRO B 140 4.45 -0.42 -17.86
CA PRO B 140 2.99 -0.29 -17.66
C PRO B 140 2.19 -0.33 -18.96
N SER B 141 2.83 -0.13 -20.11
CA SER B 141 2.10 -0.17 -21.38
C SER B 141 1.77 -1.60 -21.78
N VAL B 142 2.77 -2.50 -21.77
CA VAL B 142 2.51 -3.91 -22.00
C VAL B 142 1.62 -4.47 -20.90
N ALA B 143 1.56 -3.79 -19.76
CA ALA B 143 0.61 -4.16 -18.72
C ALA B 143 -0.82 -3.95 -19.17
N ARG B 144 -1.10 -2.81 -19.81
CA ARG B 144 -2.43 -2.49 -20.33
C ARG B 144 -2.34 -2.30 -21.85
N SER B 145 -2.34 -3.42 -22.59
CA SER B 145 -2.37 -4.75 -22.01
C SER B 145 -1.52 -5.74 -22.81
N PHE B 146 -1.89 -7.01 -22.71
CA PHE B 146 -1.20 -8.07 -23.42
C PHE B 146 -2.17 -9.23 -23.65
N ALA B 147 -3.26 -8.93 -24.36
CA ALA B 147 -4.23 -9.93 -24.81
C ALA B 147 -4.78 -10.77 -23.67
N GLY B 148 -5.82 -10.28 -23.00
CA GLY B 148 -6.41 -9.00 -23.34
C GLY B 148 -6.35 -8.03 -22.17
N GLN B 149 -7.30 -7.10 -22.14
CA GLN B 149 -7.41 -6.15 -21.04
C GLN B 149 -8.45 -6.57 -20.01
N GLY B 150 -8.70 -7.87 -19.88
CA GLY B 150 -9.72 -8.34 -18.96
C GLY B 150 -9.32 -8.11 -17.52
N THR B 151 -8.25 -8.79 -17.09
CA THR B 151 -7.78 -8.73 -15.71
C THR B 151 -6.31 -8.30 -15.70
N ILE B 152 -6.01 -7.23 -14.96
CA ILE B 152 -4.70 -6.61 -14.92
C ILE B 152 -4.13 -6.78 -13.52
N THR B 153 -2.83 -7.05 -13.42
CA THR B 153 -2.16 -7.30 -12.15
C THR B 153 -0.86 -6.51 -12.06
N THR B 154 -0.28 -6.48 -10.86
CA THR B 154 1.00 -5.81 -10.61
C THR B 154 1.68 -6.49 -9.43
N LEU B 155 2.87 -7.04 -9.67
CA LEU B 155 3.51 -8.00 -8.77
C LEU B 155 4.69 -7.41 -8.03
N PHE B 156 5.23 -8.19 -7.10
CA PHE B 156 6.35 -7.78 -6.24
C PHE B 156 7.11 -9.02 -5.80
N GLY B 157 8.44 -9.00 -5.94
CA GLY B 157 9.22 -10.13 -5.47
C GLY B 157 10.68 -10.04 -5.88
N ARG B 158 11.35 -11.21 -5.89
CA ARG B 158 12.73 -11.30 -6.33
C ARG B 158 13.02 -12.57 -7.11
N SER B 159 12.27 -13.65 -6.81
CA SER B 159 12.56 -14.97 -7.37
C SER B 159 12.23 -15.07 -8.85
N GLY B 160 12.28 -13.94 -9.54
CA GLY B 160 12.00 -13.88 -10.95
C GLY B 160 13.28 -13.85 -11.76
N ILE B 161 13.22 -14.41 -12.96
CA ILE B 161 14.37 -14.54 -13.83
C ILE B 161 14.39 -13.32 -14.75
N ASP B 162 15.32 -12.40 -14.49
CA ASP B 162 15.50 -11.20 -15.30
C ASP B 162 15.92 -11.58 -16.72
N VAL B 163 14.95 -11.90 -17.57
CA VAL B 163 15.24 -12.28 -18.94
C VAL B 163 15.17 -11.06 -19.84
N SER B 164 15.28 -9.87 -19.25
CA SER B 164 15.25 -8.63 -20.02
C SER B 164 16.53 -8.46 -20.83
N GLU B 165 16.92 -9.51 -21.56
CA GLU B 165 18.12 -9.51 -22.39
C GLU B 165 18.01 -10.60 -23.44
N ILE B 166 17.42 -11.73 -23.07
CA ILE B 166 17.34 -12.89 -23.96
C ILE B 166 16.24 -12.70 -24.99
N SER B 167 15.04 -12.35 -24.55
CA SER B 167 13.90 -12.17 -25.46
C SER B 167 13.10 -10.95 -24.99
N ILE B 168 13.34 -9.80 -25.61
CA ILE B 168 12.61 -8.58 -25.29
C ILE B 168 11.76 -8.18 -26.49
N GLU B 169 10.97 -9.12 -27.02
CA GLU B 169 10.07 -8.82 -28.12
C GLU B 169 9.13 -7.69 -27.73
N GLY B 170 9.03 -6.68 -28.59
CA GLY B 170 8.27 -5.50 -28.24
C GLY B 170 8.86 -4.65 -27.16
N ASP B 171 10.10 -4.94 -26.74
CA ASP B 171 10.77 -4.25 -25.64
C ASP B 171 9.94 -4.33 -24.35
N GLU B 172 9.70 -5.57 -23.91
CA GLU B 172 8.86 -5.83 -22.75
C GLU B 172 9.65 -5.88 -21.44
N GLN B 173 10.96 -6.08 -21.51
CA GLN B 173 11.83 -6.16 -20.33
C GLN B 173 11.22 -7.08 -19.28
N GLU B 174 11.31 -8.39 -19.50
CA GLU B 174 10.52 -9.36 -18.77
C GLU B 174 11.26 -9.90 -17.56
N ILE B 175 10.49 -10.26 -16.53
CA ILE B 175 10.96 -10.97 -15.35
C ILE B 175 9.96 -12.09 -15.08
N LEU B 176 10.45 -13.31 -14.92
CA LEU B 176 9.60 -14.50 -14.89
C LEU B 176 9.77 -15.24 -13.59
N TYR B 177 8.67 -15.44 -12.86
CA TYR B 177 8.70 -16.21 -11.63
C TYR B 177 8.40 -17.68 -11.92
N ASP B 178 8.48 -18.50 -10.87
CA ASP B 178 8.27 -19.93 -11.02
C ASP B 178 6.80 -20.25 -11.20
N LYS B 179 6.38 -21.47 -10.86
CA LYS B 179 4.99 -21.82 -11.08
C LYS B 179 4.21 -21.89 -9.77
N GLY B 180 4.45 -22.92 -8.97
CA GLY B 180 3.78 -23.07 -7.69
C GLY B 180 4.20 -22.05 -6.66
N THR B 181 4.73 -20.91 -7.13
CA THR B 181 5.11 -19.83 -6.24
C THR B 181 3.86 -19.09 -5.77
N ASP B 182 3.74 -18.91 -4.45
CA ASP B 182 2.51 -18.42 -3.85
C ASP B 182 2.53 -16.91 -3.74
N MET B 183 1.38 -16.30 -4.06
CA MET B 183 1.24 -14.85 -4.14
C MET B 183 0.19 -14.37 -3.14
N ARG B 184 0.45 -13.24 -2.49
CA ARG B 184 -0.45 -12.66 -1.50
C ARG B 184 -1.28 -11.56 -2.15
N VAL B 185 -2.58 -11.81 -2.30
CA VAL B 185 -3.50 -10.86 -2.92
C VAL B 185 -3.72 -9.69 -1.97
N LEU B 186 -2.90 -8.65 -2.11
CA LEU B 186 -3.02 -7.49 -1.24
C LEU B 186 -4.24 -6.63 -1.58
N LEU B 187 -4.77 -6.75 -2.80
CA LEU B 187 -5.92 -5.95 -3.18
C LEU B 187 -6.57 -6.54 -4.42
N SER B 188 -7.90 -6.50 -4.47
CA SER B 188 -8.66 -6.97 -5.62
C SER B 188 -9.90 -6.10 -5.76
N ALA B 189 -9.86 -5.17 -6.71
CA ALA B 189 -10.98 -4.31 -7.03
C ALA B 189 -11.29 -4.42 -8.52
N LYS B 190 -12.38 -3.78 -8.92
CA LYS B 190 -12.83 -3.81 -10.31
C LYS B 190 -13.05 -2.37 -10.77
N ASP B 191 -12.65 -2.11 -12.02
CA ASP B 191 -12.58 -0.74 -12.52
C ASP B 191 -13.97 -0.21 -12.85
N GLY B 192 -14.03 1.11 -13.06
CA GLY B 192 -15.25 1.73 -13.56
C GLY B 192 -15.72 1.11 -14.87
N GLN B 193 -14.80 0.96 -15.82
CA GLN B 193 -15.06 0.21 -17.04
C GLN B 193 -14.93 -1.29 -16.85
N GLY B 194 -14.66 -1.75 -15.64
CA GLY B 194 -14.79 -3.16 -15.33
C GLY B 194 -13.58 -4.01 -15.63
N VAL B 195 -12.39 -3.40 -15.67
CA VAL B 195 -11.13 -4.13 -15.71
C VAL B 195 -10.58 -4.34 -14.31
N THR B 196 -10.49 -5.61 -13.91
CA THR B 196 -10.11 -5.99 -12.56
C THR B 196 -8.62 -5.81 -12.40
N ARG B 197 -8.22 -4.70 -11.78
CA ARG B 197 -6.83 -4.47 -11.43
C ARG B 197 -6.55 -5.08 -10.07
N ARG B 198 -5.39 -5.72 -9.94
CA ARG B 198 -5.05 -6.46 -8.72
C ARG B 198 -3.59 -6.26 -8.35
N VAL B 199 -3.33 -6.36 -7.04
CA VAL B 199 -1.98 -6.32 -6.48
C VAL B 199 -1.65 -7.71 -5.95
N LEU B 200 -0.37 -8.08 -6.05
CA LEU B 200 0.08 -9.38 -5.56
C LEU B 200 1.42 -9.21 -4.84
N GLU B 201 1.85 -10.29 -4.18
CA GLU B 201 3.10 -10.30 -3.44
C GLU B 201 3.58 -11.71 -3.15
N GLU B 202 4.86 -11.99 -3.45
CA GLU B 202 5.41 -13.32 -3.24
C GLU B 202 5.23 -13.76 -1.79
N ALA B 203 4.93 -15.04 -1.60
CA ALA B 203 4.63 -15.55 -0.27
C ALA B 203 5.76 -15.27 0.70
N THR B 204 6.98 -15.63 0.34
CA THR B 204 8.16 -15.56 1.20
C THR B 204 8.58 -14.10 1.53
N LEU B 205 7.77 -13.10 1.21
CA LEU B 205 8.03 -11.75 1.70
C LEU B 205 7.19 -11.48 2.95
N GLY B 206 5.90 -11.23 2.76
CA GLY B 206 4.93 -11.20 3.83
C GLY B 206 5.18 -10.22 4.97
N GLU B 207 4.25 -10.17 5.92
CA GLU B 207 4.39 -9.43 7.17
C GLU B 207 4.80 -8.00 6.86
N ARG B 208 5.88 -7.48 7.44
CA ARG B 208 6.30 -6.09 7.26
C ARG B 208 7.33 -5.96 6.13
N SER B 209 7.05 -6.61 5.00
CA SER B 209 7.90 -6.52 3.81
C SER B 209 7.26 -5.48 2.89
N GLY B 210 7.66 -4.24 3.06
CA GLY B 210 7.19 -3.18 2.21
C GLY B 210 6.24 -2.25 2.94
N HIS B 211 6.56 -1.94 4.19
CA HIS B 211 5.78 -1.01 5.00
C HIS B 211 6.68 0.13 5.45
N GLY B 212 6.21 1.36 5.24
CA GLY B 212 6.85 2.52 5.84
C GLY B 212 6.95 2.32 7.34
N GLU B 213 8.16 2.45 7.87
CA GLU B 213 8.42 2.14 9.26
C GLU B 213 7.57 3.01 10.18
N GLY B 214 6.38 2.53 10.54
CA GLY B 214 5.51 3.26 11.45
C GLY B 214 4.76 4.41 10.83
N LEU B 215 4.90 4.64 9.53
CA LEU B 215 4.11 5.68 8.87
C LEU B 215 2.62 5.38 9.00
N LEU B 216 2.25 4.10 9.00
CA LEU B 216 0.85 3.71 9.10
C LEU B 216 0.26 4.12 10.45
N ASP B 217 0.87 3.65 11.54
CA ASP B 217 0.39 3.99 12.88
C ASP B 217 0.30 5.49 13.08
N ALA B 218 1.18 6.26 12.42
CA ALA B 218 1.24 7.70 12.60
C ALA B 218 0.18 8.47 11.81
N LEU B 219 -0.50 7.82 10.87
CA LEU B 219 -1.52 8.53 10.10
C LEU B 219 -2.76 8.80 10.95
N ASP B 220 -3.17 7.83 11.77
CA ASP B 220 -4.43 7.84 12.51
C ASP B 220 -5.61 7.80 11.55
N LEU B 221 -6.54 6.86 11.76
CA LEU B 221 -7.60 6.61 10.80
C LEU B 221 -8.90 6.33 11.55
N ALA B 222 -9.91 5.87 10.81
CA ALA B 222 -11.22 5.55 11.39
C ALA B 222 -11.37 4.06 11.67
N THR B 223 -11.26 3.22 10.63
CA THR B 223 -11.43 1.77 10.70
C THR B 223 -12.59 1.33 11.60
OAH F4W C . -0.46 -17.59 -20.50
CAQ F4W C . 0.01 -17.17 -19.40
OAR F4W C . 0.86 -17.87 -18.78
CAP F4W C . -0.43 -15.84 -18.82
CAO F4W C . -0.77 -14.80 -19.88
CAN F4W C . 0.32 -13.74 -19.97
NAM F4W C . 1.43 -14.03 -20.62
CAL F4W C . 2.43 -13.15 -20.74
SAK F4W C . 3.92 -13.17 -21.46
CAJ F4W C . 4.42 -11.58 -21.06
CAI F4W C . 5.61 -10.76 -21.30
CAB F4W C . 5.21 -9.34 -20.53
CAC F4W C . 3.70 -9.66 -19.94
CAD F4W C . 3.46 -11.03 -20.38
CAE F4W C . 2.30 -11.92 -20.18
CAF F4W C . 1.09 -11.65 -19.51
OAA F4W C . 0.91 -10.40 -18.91
NAG F4W C . 0.15 -12.57 -19.42
#